data_7OC8
#
_entry.id   7OC8
#
_cell.length_a   83.186
_cell.length_b   81.508
_cell.length_c   109.918
_cell.angle_alpha   90.000
_cell.angle_beta   90.000
_cell.angle_gamma   90.000
#
_symmetry.space_group_name_H-M   'I 2 2 2'
#
loop_
_entity.id
_entity.type
_entity.pdbx_description
1 polymer 'Exoglucanase 1'
2 branched beta-D-galactopyranose-(1-4)-beta-D-glucopyranose
3 non-polymer 2-acetamido-2-deoxy-beta-D-glucopyranose
4 non-polymer P-NITROPHENOL
5 non-polymer 'COBALT (II) ION'
6 water water
#
_entity_poly.entity_id   1
_entity_poly.type   'polypeptide(L)'
_entity_poly.pdbx_seq_one_letter_code
;(PCA)SACTLQSETHPPLTWQKCSSGGTCTQQTGSVVIDANWRWTHATNSSTNCYDGNTWSSTLCPDNETCAKNCCLDGA
AYASTYGVTTSGNSLSIDFVTQSAQKNVGARLYLMASDTTYQEFTLLGNEFSFDVDVSQLPCGLNGALYFVSMDADGGVS
KYPTNTAGAKYGTGYCDSQCPRDLKFINGQANVEGWEPSSNNANTGIGGHGSCCSQMDIWEANSISEALTPHPCTTVGQE
ICEGDGCGGTYSDNRYGGTCDPDGCDWNPYRLGNTSFYGPGSSFTLDTTKKLTVVTQFETSGAINRYYVQNGVTFQQPNA
ELGSYSGNELNDDYCTAEEAEFGGSSFSDKGGLTQFKKATSGGMVLVMSLWDDYYANMLWLDSTYPTNETSSTPGAVRGS
CSTSSGVPAQVESQSPNAKVTFSNIKFGPIGSTGNPSG
;
_entity_poly.pdbx_strand_id   A
#
# COMPACT_ATOMS: atom_id res chain seq x y z
N SER A 2 7.72 -3.53 22.96
CA SER A 2 8.57 -4.72 22.99
C SER A 2 7.89 -5.86 22.23
N ALA A 3 8.54 -7.01 22.17
CA ALA A 3 7.96 -8.20 21.54
C ALA A 3 7.78 -9.29 22.60
N CYS A 4 6.65 -9.96 22.55
CA CYS A 4 6.36 -11.14 23.44
C CYS A 4 6.28 -12.38 22.59
N THR A 5 6.29 -13.55 23.23
CA THR A 5 6.43 -14.84 22.51
C THR A 5 5.38 -15.83 22.98
N LEU A 6 4.23 -15.34 23.43
CA LEU A 6 3.10 -16.26 23.72
C LEU A 6 2.65 -16.94 22.43
N GLN A 7 2.83 -16.32 21.25
CA GLN A 7 2.54 -16.94 19.92
C GLN A 7 3.82 -16.86 19.07
N SER A 8 4.25 -17.96 18.48
CA SER A 8 5.53 -17.96 17.72
C SER A 8 5.36 -17.10 16.46
N GLU A 9 6.47 -16.52 16.01
CA GLU A 9 6.47 -15.65 14.79
C GLU A 9 7.35 -16.34 13.76
N THR A 10 6.70 -16.95 12.79
CA THR A 10 7.36 -17.61 11.63
C THR A 10 6.92 -16.88 10.36
N HIS A 11 7.83 -16.14 9.73
CA HIS A 11 7.51 -15.35 8.53
C HIS A 11 7.33 -16.30 7.35
N PRO A 12 6.18 -16.28 6.65
CA PRO A 12 6.05 -17.06 5.41
C PRO A 12 7.15 -16.76 4.39
N PRO A 13 7.94 -17.75 3.93
CA PRO A 13 9.00 -17.50 2.95
CA PRO A 13 9.00 -17.48 2.96
C PRO A 13 8.44 -16.98 1.62
N LEU A 14 9.22 -16.17 0.91
CA LEU A 14 8.85 -15.69 -0.43
C LEU A 14 10.14 -15.47 -1.20
N THR A 15 10.25 -16.04 -2.37
CA THR A 15 11.43 -15.81 -3.24
C THR A 15 11.07 -14.75 -4.26
N TRP A 16 12.11 -14.11 -4.77
CA TRP A 16 11.99 -13.11 -5.83
C TRP A 16 13.25 -13.18 -6.66
N GLN A 17 13.26 -12.56 -7.84
CA GLN A 17 14.44 -12.57 -8.76
C GLN A 17 15.15 -11.23 -8.74
N LYS A 18 16.48 -11.24 -8.60
CA LYS A 18 17.31 -10.04 -8.84
C LYS A 18 17.96 -10.25 -10.21
N CYS A 19 17.66 -9.38 -11.18
CA CYS A 19 18.19 -9.51 -12.55
C CYS A 19 19.32 -8.51 -12.77
N SER A 20 20.22 -8.84 -13.69
CA SER A 20 21.41 -8.01 -13.99
C SER A 20 21.33 -7.50 -15.42
N SER A 21 22.01 -6.38 -15.67
CA SER A 21 22.09 -5.77 -17.02
C SER A 21 22.64 -6.79 -18.02
N GLY A 22 23.42 -7.76 -17.56
CA GLY A 22 24.05 -8.77 -18.42
C GLY A 22 23.10 -9.88 -18.87
N GLY A 23 21.83 -9.86 -18.47
CA GLY A 23 20.79 -10.69 -19.08
C GLY A 23 20.40 -11.90 -18.26
N THR A 24 20.96 -12.06 -17.06
CA THR A 24 20.68 -13.19 -16.14
C THR A 24 19.90 -12.69 -14.93
N CYS A 25 19.19 -13.60 -14.32
CA CYS A 25 18.46 -13.35 -13.04
C CYS A 25 18.89 -14.39 -12.02
N THR A 26 18.94 -13.99 -10.75
CA THR A 26 19.37 -14.86 -9.63
C THR A 26 18.24 -14.88 -8.62
N GLN A 27 17.81 -16.08 -8.23
CA GLN A 27 16.80 -16.24 -7.16
C GLN A 27 17.30 -15.69 -5.83
N GLN A 28 16.44 -14.96 -5.14
CA GLN A 28 16.68 -14.40 -3.80
C GLN A 28 15.69 -15.03 -2.84
N THR A 29 16.08 -15.30 -1.60
CA THR A 29 15.12 -15.85 -0.61
C THR A 29 14.85 -14.81 0.46
N GLY A 30 13.58 -14.43 0.59
CA GLY A 30 13.10 -13.52 1.65
C GLY A 30 11.91 -14.13 2.33
N SER A 31 11.06 -13.28 2.90
CA SER A 31 9.84 -13.73 3.61
C SER A 31 8.93 -12.51 3.75
N VAL A 32 7.72 -12.73 4.27
CA VAL A 32 6.80 -11.59 4.51
C VAL A 32 6.47 -11.51 6.00
N VAL A 33 6.25 -10.28 6.48
CA VAL A 33 5.88 -10.04 7.88
C VAL A 33 4.63 -9.15 7.92
N ILE A 34 3.72 -9.45 8.83
CA ILE A 34 2.48 -8.65 8.92
C ILE A 34 2.78 -7.41 9.80
N ASP A 35 2.18 -6.31 9.39
CA ASP A 35 2.21 -5.02 10.10
C ASP A 35 1.71 -5.20 11.54
N ALA A 36 2.35 -4.46 12.45
CA ALA A 36 2.10 -4.47 13.90
C ALA A 36 0.62 -4.21 14.23
N ASN A 37 -0.11 -3.44 13.42
CA ASN A 37 -1.53 -3.07 13.72
C ASN A 37 -2.43 -4.30 13.74
N TRP A 38 -2.07 -5.35 13.00
CA TRP A 38 -2.91 -6.55 12.91
C TRP A 38 -2.67 -7.47 14.11
N ARG A 39 -1.63 -7.20 14.89
CA ARG A 39 -1.19 -8.14 15.94
C ARG A 39 -1.98 -7.93 17.23
N TRP A 40 -1.91 -8.96 18.07
CA TRP A 40 -2.25 -8.87 19.50
C TRP A 40 -1.22 -8.02 20.25
N THR A 41 -1.67 -6.96 20.92
CA THR A 41 -0.84 -6.10 21.77
C THR A 41 -1.29 -6.37 23.23
N HIS A 42 -0.41 -6.87 24.08
CA HIS A 42 -0.78 -7.24 25.48
C HIS A 42 0.33 -6.83 26.44
N ALA A 43 0.02 -6.85 27.74
CA ALA A 43 0.97 -6.54 28.80
C ALA A 43 2.18 -7.47 28.71
N THR A 44 3.37 -6.93 28.96
CA THR A 44 4.65 -7.69 28.85
C THR A 44 4.67 -8.88 29.80
N ASN A 45 3.94 -8.82 30.91
CA ASN A 45 4.04 -9.85 31.98
C ASN A 45 2.70 -10.57 32.18
N SER A 46 1.75 -10.46 31.25
CA SER A 46 0.47 -11.19 31.31
C SER A 46 -0.20 -11.29 29.94
N SER A 47 -1.41 -11.86 29.89
CA SER A 47 -2.27 -12.00 28.69
C SER A 47 -3.25 -10.83 28.57
N THR A 48 -3.14 -9.83 29.44
CA THR A 48 -4.11 -8.71 29.43
C THR A 48 -3.89 -7.86 28.19
N ASN A 49 -4.95 -7.60 27.45
CA ASN A 49 -4.88 -6.81 26.20
C ASN A 49 -4.49 -5.36 26.56
N CYS A 50 -3.57 -4.77 25.80
CA CYS A 50 -3.35 -3.32 25.86
C CYS A 50 -4.37 -2.61 24.97
N TYR A 51 -4.82 -3.29 23.94
CA TYR A 51 -5.80 -2.76 22.96
C TYR A 51 -6.80 -3.86 22.69
N ASP A 52 -8.07 -3.51 22.64
CA ASP A 52 -9.16 -4.50 22.49
C ASP A 52 -10.33 -3.80 21.82
N GLY A 53 -10.88 -4.45 20.80
CA GLY A 53 -11.89 -3.81 19.95
C GLY A 53 -11.32 -2.57 19.32
N ASN A 54 -11.81 -1.39 19.71
CA ASN A 54 -11.22 -0.15 19.13
C ASN A 54 -10.82 0.83 20.23
N THR A 55 -10.51 0.32 21.40
CA THR A 55 -10.20 1.08 22.64
C THR A 55 -8.87 0.57 23.20
N TRP A 56 -8.11 1.45 23.79
CA TRP A 56 -6.93 1.08 24.60
C TRP A 56 -7.35 0.78 26.06
N SER A 57 -6.58 -0.08 26.72
CA SER A 57 -6.53 -0.23 28.19
C SER A 57 -6.14 1.12 28.78
N SER A 58 -7.06 1.75 29.53
CA SER A 58 -6.78 3.07 30.15
C SER A 58 -5.76 2.89 31.32
N THR A 59 -5.63 1.69 31.86
CA THR A 59 -4.69 1.44 32.98
C THR A 59 -3.28 1.15 32.44
N LEU A 60 -3.16 0.24 31.49
CA LEU A 60 -1.83 -0.06 30.90
C LEU A 60 -1.37 1.13 30.07
N CYS A 61 -2.30 1.88 29.45
CA CYS A 61 -1.93 2.88 28.43
C CYS A 61 -2.49 4.23 28.79
N PRO A 62 -2.05 4.80 29.92
CA PRO A 62 -2.52 6.14 30.31
C PRO A 62 -1.92 7.26 29.48
N ASP A 63 -0.77 7.01 28.86
CA ASP A 63 -0.08 7.97 27.98
C ASP A 63 0.79 7.15 27.02
N ASN A 64 1.30 7.80 25.99
CA ASN A 64 1.96 7.08 24.84
C ASN A 64 3.21 6.35 25.34
N GLU A 65 3.99 6.98 26.22
N GLU A 65 3.96 6.97 26.23
CA GLU A 65 5.27 6.43 26.73
CA GLU A 65 5.25 6.46 26.72
C GLU A 65 5.01 5.24 27.65
C GLU A 65 5.04 5.26 27.65
N THR A 66 4.13 5.39 28.62
CA THR A 66 3.81 4.35 29.61
C THR A 66 3.25 3.14 28.87
N CYS A 67 2.39 3.40 27.87
CA CYS A 67 1.78 2.33 27.07
C CYS A 67 2.90 1.49 26.45
N ALA A 68 3.83 2.12 25.76
CA ALA A 68 4.91 1.39 25.05
C ALA A 68 5.78 0.61 26.06
N LYS A 69 6.00 1.20 27.22
CA LYS A 69 6.81 0.55 28.30
C LYS A 69 6.08 -0.69 28.83
N ASN A 70 4.74 -0.67 28.91
CA ASN A 70 3.93 -1.76 29.51
C ASN A 70 3.58 -2.84 28.49
N CYS A 71 3.72 -2.58 27.19
CA CYS A 71 3.01 -3.36 26.16
C CYS A 71 3.95 -3.99 25.15
N CYS A 72 3.56 -5.16 24.65
CA CYS A 72 4.33 -5.85 23.59
C CYS A 72 3.41 -6.33 22.47
N LEU A 73 4.03 -6.54 21.31
CA LEU A 73 3.42 -7.17 20.14
C LEU A 73 3.74 -8.64 20.22
N ASP A 74 2.81 -9.49 19.81
CA ASP A 74 3.00 -10.95 19.82
C ASP A 74 2.97 -11.50 18.40
N GLY A 75 3.23 -12.80 18.31
CA GLY A 75 3.34 -13.49 17.01
C GLY A 75 2.01 -13.59 16.29
N ALA A 76 2.07 -13.99 15.02
CA ALA A 76 0.94 -14.06 14.07
C ALA A 76 0.84 -15.48 13.53
N ALA A 77 -0.36 -16.05 13.60
CA ALA A 77 -0.69 -17.30 12.87
C ALA A 77 -1.12 -16.86 11.46
N TYR A 78 -0.17 -16.82 10.53
CA TYR A 78 -0.35 -16.18 9.20
C TYR A 78 -1.55 -16.80 8.47
N ALA A 79 -1.60 -18.13 8.35
CA ALA A 79 -2.66 -18.78 7.56
C ALA A 79 -3.99 -18.72 8.34
N SER A 80 -4.00 -19.20 9.58
CA SER A 80 -5.26 -19.49 10.30
C SER A 80 -5.94 -18.22 10.82
N THR A 81 -5.18 -17.22 11.28
CA THR A 81 -5.76 -15.93 11.73
C THR A 81 -5.87 -14.97 10.54
N TYR A 82 -4.87 -14.87 9.67
CA TYR A 82 -4.81 -13.71 8.72
C TYR A 82 -5.06 -14.11 7.26
N GLY A 83 -5.19 -15.38 6.95
CA GLY A 83 -5.42 -15.80 5.55
C GLY A 83 -4.26 -15.45 4.64
N VAL A 84 -3.03 -15.44 5.18
CA VAL A 84 -1.81 -15.15 4.41
C VAL A 84 -1.03 -16.44 4.21
N THR A 85 -0.79 -16.80 2.95
CA THR A 85 -0.02 -18.00 2.59
C THR A 85 1.00 -17.62 1.53
N THR A 86 2.08 -18.38 1.45
CA THR A 86 3.05 -18.25 0.37
C THR A 86 3.35 -19.64 -0.19
N SER A 87 3.83 -19.65 -1.42
CA SER A 87 4.35 -20.85 -2.08
C SER A 87 5.37 -20.40 -3.11
N GLY A 88 6.66 -20.61 -2.83
CA GLY A 88 7.76 -20.22 -3.70
C GLY A 88 7.79 -18.73 -3.92
N ASN A 89 7.45 -18.30 -5.14
CA ASN A 89 7.45 -16.86 -5.50
C ASN A 89 6.04 -16.26 -5.39
N SER A 90 5.07 -16.99 -4.83
CA SER A 90 3.64 -16.57 -4.83
C SER A 90 3.19 -16.25 -3.40
N LEU A 91 2.47 -15.14 -3.24
CA LEU A 91 1.83 -14.71 -1.98
C LEU A 91 0.33 -14.56 -2.24
N SER A 92 -0.51 -15.18 -1.43
CA SER A 92 -1.98 -14.98 -1.46
C SER A 92 -2.43 -14.35 -0.16
N ILE A 93 -3.35 -13.41 -0.27
CA ILE A 93 -4.02 -12.76 0.89
C ILE A 93 -5.53 -12.94 0.74
N ASP A 94 -6.18 -13.53 1.73
CA ASP A 94 -7.65 -13.67 1.73
C ASP A 94 -8.26 -12.43 2.35
N PHE A 95 -9.49 -12.10 1.97
CA PHE A 95 -10.13 -10.85 2.40
C PHE A 95 -10.65 -11.01 3.84
N VAL A 96 -11.55 -11.95 4.06
CA VAL A 96 -12.09 -12.21 5.42
C VAL A 96 -11.63 -13.59 5.90
N THR A 97 -11.01 -13.65 7.09
CA THR A 97 -10.60 -14.92 7.74
C THR A 97 -11.27 -15.00 9.11
N GLN A 98 -12.05 -16.07 9.29
CA GLN A 98 -12.78 -16.33 10.56
C GLN A 98 -11.97 -17.36 11.33
N SER A 99 -11.46 -16.96 12.50
CA SER A 99 -10.81 -17.87 13.48
C SER A 99 -11.61 -17.70 14.77
N ALA A 100 -10.94 -17.47 15.91
CA ALA A 100 -11.60 -17.05 17.17
C ALA A 100 -12.30 -15.71 16.94
N GLN A 101 -11.74 -14.89 16.08
CA GLN A 101 -12.34 -13.59 15.73
C GLN A 101 -12.32 -13.44 14.20
N LYS A 102 -12.97 -12.39 13.73
CA LYS A 102 -13.00 -12.01 12.30
C LYS A 102 -11.81 -11.09 11.98
N ASN A 103 -11.00 -11.46 11.01
CA ASN A 103 -9.92 -10.60 10.47
C ASN A 103 -10.29 -10.11 9.08
N VAL A 104 -9.98 -8.84 8.81
CA VAL A 104 -10.12 -8.30 7.42
C VAL A 104 -8.76 -7.86 6.88
N GLY A 105 -8.35 -8.53 5.82
CA GLY A 105 -7.18 -8.17 5.03
C GLY A 105 -5.87 -8.24 5.83
N ALA A 106 -4.84 -7.65 5.28
CA ALA A 106 -3.47 -7.70 5.82
C ALA A 106 -2.64 -6.66 5.09
N ARG A 107 -1.65 -6.12 5.79
CA ARG A 107 -0.57 -5.33 5.16
C ARG A 107 0.74 -6.02 5.52
N LEU A 108 1.52 -6.38 4.51
CA LEU A 108 2.75 -7.19 4.66
C LEU A 108 3.96 -6.46 4.07
N TYR A 109 5.13 -6.73 4.63
CA TYR A 109 6.43 -6.21 4.14
C TYR A 109 7.32 -7.36 3.72
N LEU A 110 8.08 -7.14 2.62
CA LEU A 110 9.10 -8.12 2.23
C LEU A 110 10.34 -7.93 3.12
N MET A 111 10.78 -9.02 3.68
CA MET A 111 11.96 -9.04 4.59
CA MET A 111 11.94 -9.07 4.60
C MET A 111 13.22 -9.45 3.83
N ALA A 112 14.36 -8.97 4.28
CA ALA A 112 15.68 -9.44 3.84
C ALA A 112 16.16 -10.58 4.73
N SER A 113 15.94 -10.46 6.03
CA SER A 113 16.27 -11.45 7.07
C SER A 113 15.07 -11.50 7.99
N ASP A 114 15.10 -12.40 8.96
CA ASP A 114 13.95 -12.53 9.89
CA ASP A 114 14.02 -12.57 9.95
C ASP A 114 13.80 -11.28 10.75
N THR A 115 14.75 -10.35 10.72
CA THR A 115 14.70 -9.12 11.55
C THR A 115 14.90 -7.82 10.79
N THR A 116 14.90 -7.83 9.46
CA THR A 116 15.14 -6.62 8.67
C THR A 116 14.25 -6.65 7.42
N TYR A 117 13.83 -5.48 7.01
CA TYR A 117 13.09 -5.29 5.73
C TYR A 117 14.10 -5.26 4.56
N GLN A 118 13.66 -5.75 3.41
CA GLN A 118 14.39 -5.57 2.13
C GLN A 118 14.24 -4.13 1.68
N GLU A 119 15.35 -3.47 1.33
CA GLU A 119 15.31 -2.10 0.76
C GLU A 119 15.61 -2.22 -0.75
N PHE A 120 14.86 -1.52 -1.57
CA PHE A 120 15.04 -1.43 -3.03
C PHE A 120 15.30 0.02 -3.38
N THR A 121 16.32 0.27 -4.21
CA THR A 121 16.58 1.60 -4.81
C THR A 121 15.94 1.57 -6.19
N LEU A 122 14.80 2.24 -6.35
CA LEU A 122 14.03 2.12 -7.60
C LEU A 122 14.69 2.89 -8.75
N LEU A 123 15.31 4.04 -8.50
CA LEU A 123 15.81 4.90 -9.60
C LEU A 123 16.83 4.15 -10.45
N GLY A 124 16.58 4.12 -11.75
CA GLY A 124 17.47 3.48 -12.74
C GLY A 124 17.05 2.04 -12.91
N ASN A 125 16.11 1.59 -12.10
CA ASN A 125 15.72 0.15 -12.09
C ASN A 125 14.26 -0.05 -12.50
N GLU A 126 13.86 -1.31 -12.66
CA GLU A 126 12.46 -1.67 -12.94
C GLU A 126 12.03 -2.79 -12.00
N PHE A 127 10.72 -2.82 -11.75
CA PHE A 127 10.08 -3.79 -10.85
C PHE A 127 8.96 -4.46 -11.64
N SER A 128 8.98 -5.79 -11.72
CA SER A 128 7.99 -6.62 -12.41
C SER A 128 7.32 -7.53 -11.39
N PHE A 129 6.03 -7.72 -11.53
CA PHE A 129 5.30 -8.75 -10.76
C PHE A 129 4.14 -9.26 -11.60
N ASP A 130 3.69 -10.45 -11.26
CA ASP A 130 2.45 -11.01 -11.76
C ASP A 130 1.38 -10.85 -10.69
N VAL A 131 0.17 -10.65 -11.14
CA VAL A 131 -1.00 -10.51 -10.22
C VAL A 131 -2.24 -11.21 -10.79
N ASP A 132 -3.02 -11.81 -9.90
CA ASP A 132 -4.35 -12.36 -10.22
C ASP A 132 -5.33 -11.53 -9.41
N VAL A 133 -6.09 -10.68 -10.09
CA VAL A 133 -7.11 -9.82 -9.45
C VAL A 133 -8.50 -10.38 -9.71
N SER A 134 -8.62 -11.60 -10.27
CA SER A 134 -9.93 -12.11 -10.74
C SER A 134 -10.92 -12.16 -9.60
N GLN A 135 -10.49 -12.37 -8.36
CA GLN A 135 -11.40 -12.53 -7.19
C GLN A 135 -11.47 -11.21 -6.40
N LEU A 136 -11.24 -10.06 -7.03
CA LEU A 136 -11.35 -8.72 -6.37
C LEU A 136 -12.48 -7.96 -7.02
N PRO A 137 -13.67 -7.93 -6.39
CA PRO A 137 -14.78 -7.16 -6.93
C PRO A 137 -14.63 -5.67 -6.59
N CYS A 138 -15.56 -4.87 -7.08
CA CYS A 138 -15.73 -3.46 -6.68
C CYS A 138 -15.54 -3.31 -5.16
N GLY A 139 -14.88 -2.23 -4.73
CA GLY A 139 -14.71 -1.90 -3.30
C GLY A 139 -13.48 -2.52 -2.66
N LEU A 140 -12.77 -3.43 -3.35
CA LEU A 140 -11.51 -4.02 -2.78
C LEU A 140 -10.28 -3.41 -3.43
N ASN A 141 -9.14 -3.51 -2.73
CA ASN A 141 -7.86 -2.99 -3.26
C ASN A 141 -6.78 -4.00 -2.87
N GLY A 142 -6.28 -4.73 -3.85
CA GLY A 142 -5.03 -5.50 -3.72
C GLY A 142 -3.88 -4.59 -4.11
N ALA A 143 -3.11 -4.12 -3.14
CA ALA A 143 -2.13 -3.04 -3.36
C ALA A 143 -0.70 -3.59 -3.28
N LEU A 144 0.13 -3.18 -4.21
CA LEU A 144 1.59 -3.46 -4.14
C LEU A 144 2.28 -2.11 -4.29
N TYR A 145 3.15 -1.75 -3.37
CA TYR A 145 3.71 -0.40 -3.34
C TYR A 145 5.00 -0.35 -2.52
N PHE A 146 5.61 0.83 -2.51
CA PHE A 146 6.87 1.06 -1.80
C PHE A 146 6.67 2.27 -0.91
N VAL A 147 7.35 2.24 0.22
CA VAL A 147 7.37 3.40 1.15
C VAL A 147 8.79 3.54 1.71
N SER A 148 9.14 4.78 2.07
CA SER A 148 10.47 5.15 2.60
C SER A 148 10.55 4.81 4.11
N MET A 149 10.42 3.53 4.44
CA MET A 149 10.54 3.00 5.83
C MET A 149 12.03 2.68 6.12
N ASP A 150 12.38 2.73 7.41
CA ASP A 150 13.69 2.26 7.94
C ASP A 150 13.77 0.72 7.84
N ALA A 151 14.94 0.19 7.50
CA ALA A 151 15.14 -1.27 7.31
C ALA A 151 14.91 -2.02 8.64
N ASP A 152 15.13 -1.37 9.78
CA ASP A 152 14.99 -2.00 11.13
C ASP A 152 13.61 -1.72 11.73
N GLY A 153 12.69 -1.08 11.00
CA GLY A 153 11.36 -0.81 11.59
C GLY A 153 11.37 0.32 12.61
N GLY A 154 12.49 1.05 12.72
CA GLY A 154 12.65 2.23 13.60
C GLY A 154 13.44 1.99 14.89
N VAL A 155 13.94 0.79 15.13
CA VAL A 155 14.64 0.42 16.39
C VAL A 155 15.81 1.39 16.64
N SER A 156 16.62 1.71 15.63
CA SER A 156 17.88 2.46 15.85
C SER A 156 17.55 3.87 16.33
N LYS A 157 16.41 4.41 15.90
CA LYS A 157 16.01 5.79 16.23
C LYS A 157 15.22 5.90 17.53
N TYR A 158 14.49 4.85 17.90
N TYR A 158 14.50 4.84 17.90
CA TYR A 158 13.47 4.87 18.99
CA TYR A 158 13.45 4.85 18.94
C TYR A 158 13.70 3.67 19.89
C TYR A 158 13.70 3.67 19.88
N PRO A 159 14.53 3.84 20.93
CA PRO A 159 14.93 2.75 21.83
C PRO A 159 13.82 1.93 22.50
N THR A 160 12.67 2.57 22.68
CA THR A 160 11.48 1.98 23.30
C THR A 160 10.74 1.09 22.28
N ASN A 161 11.18 1.08 21.01
CA ASN A 161 10.77 0.02 20.05
C ASN A 161 11.87 -1.05 20.05
N THR A 162 11.63 -2.21 20.64
CA THR A 162 12.59 -3.35 20.59
C THR A 162 11.93 -4.49 19.81
N ALA A 163 10.73 -4.33 19.27
CA ALA A 163 10.07 -5.40 18.47
C ALA A 163 10.58 -5.36 17.02
N GLY A 164 10.68 -4.17 16.43
CA GLY A 164 11.33 -3.99 15.11
C GLY A 164 10.59 -4.64 13.92
N ALA A 165 11.34 -4.76 12.82
CA ALA A 165 10.86 -5.27 11.52
C ALA A 165 10.36 -6.70 11.67
N LYS A 166 10.89 -7.45 12.65
CA LYS A 166 10.44 -8.85 12.87
C LYS A 166 8.94 -8.88 13.23
N TYR A 167 8.41 -7.80 13.82
CA TYR A 167 6.99 -7.66 14.25
C TYR A 167 6.27 -6.56 13.46
N GLY A 168 6.85 -6.13 12.34
CA GLY A 168 6.10 -5.27 11.43
C GLY A 168 5.97 -3.85 11.93
N THR A 169 6.95 -3.34 12.66
CA THR A 169 6.94 -1.93 13.12
C THR A 169 7.42 -0.95 12.05
N GLY A 170 7.16 0.33 12.29
CA GLY A 170 7.79 1.43 11.56
C GLY A 170 7.08 1.83 10.27
N TYR A 171 5.83 1.43 10.07
CA TYR A 171 5.07 1.84 8.88
C TYR A 171 4.95 3.37 8.81
N CYS A 172 4.96 3.81 7.56
CA CYS A 172 4.67 5.21 7.18
C CYS A 172 4.15 5.20 5.74
N ASP A 173 3.36 6.21 5.37
CA ASP A 173 2.99 6.38 3.97
C ASP A 173 2.52 7.81 3.75
N SER A 174 2.11 8.12 2.53
CA SER A 174 1.78 9.49 2.10
C SER A 174 0.46 9.97 2.73
N GLN A 175 -0.30 9.07 3.36
CA GLN A 175 -1.49 9.49 4.15
C GLN A 175 -1.08 9.97 5.54
N CYS A 176 0.19 9.85 5.92
CA CYS A 176 0.64 10.13 7.33
C CYS A 176 -0.30 9.46 8.31
N PRO A 177 -0.48 8.12 8.22
CA PRO A 177 -1.59 7.44 8.88
C PRO A 177 -1.62 7.62 10.40
N ARG A 178 -2.79 8.03 10.91
CA ARG A 178 -3.08 8.20 12.35
C ARG A 178 -3.79 6.97 12.92
N ASP A 179 -4.09 5.95 12.13
CA ASP A 179 -4.71 4.70 12.64
C ASP A 179 -3.66 3.79 13.27
N LEU A 180 -2.37 4.08 13.11
CA LEU A 180 -1.32 3.21 13.70
C LEU A 180 -1.34 3.24 15.22
N LYS A 181 -1.13 2.09 15.83
CA LYS A 181 -1.16 1.95 17.31
C LYS A 181 0.18 2.36 17.92
N PHE A 182 1.30 2.14 17.20
CA PHE A 182 2.66 2.52 17.65
C PHE A 182 3.34 3.32 16.56
N ILE A 183 3.90 4.48 16.93
CA ILE A 183 4.70 5.38 16.06
C ILE A 183 5.91 5.83 16.90
N ASN A 184 7.11 5.73 16.36
CA ASN A 184 8.36 6.22 16.99
C ASN A 184 8.56 5.59 18.38
N GLY A 185 8.26 4.29 18.55
CA GLY A 185 8.52 3.58 19.81
C GLY A 185 7.55 3.99 20.92
N GLN A 186 6.52 4.74 20.59
CA GLN A 186 5.50 5.10 21.60
C GLN A 186 4.13 4.67 21.07
N ALA A 187 3.18 4.48 21.98
CA ALA A 187 1.79 4.22 21.55
C ALA A 187 1.18 5.49 20.96
N ASN A 188 -0.03 5.33 20.44
CA ASN A 188 -0.82 6.45 19.86
C ASN A 188 -2.15 6.59 20.63
N VAL A 189 -2.16 6.24 21.92
CA VAL A 189 -3.39 6.27 22.77
C VAL A 189 -3.79 7.74 23.03
N GLU A 190 -2.84 8.66 23.09
CA GLU A 190 -3.16 10.10 23.29
C GLU A 190 -3.99 10.61 22.10
N GLY A 191 -5.20 11.13 22.39
CA GLY A 191 -6.14 11.64 21.39
C GLY A 191 -6.87 10.55 20.63
N TRP A 192 -6.77 9.29 21.04
CA TRP A 192 -7.42 8.19 20.29
C TRP A 192 -8.93 8.38 20.24
N GLU A 193 -9.52 8.24 19.04
CA GLU A 193 -10.98 8.25 18.80
C GLU A 193 -11.34 6.97 18.08
N PRO A 194 -12.18 6.11 18.66
CA PRO A 194 -12.58 4.87 17.98
C PRO A 194 -13.31 5.22 16.67
N SER A 195 -13.22 4.35 15.70
CA SER A 195 -13.97 4.47 14.43
C SER A 195 -15.46 4.21 14.71
N SER A 196 -16.36 5.04 14.19
CA SER A 196 -17.82 4.85 14.37
CA SER A 196 -17.82 4.84 14.38
C SER A 196 -18.29 3.63 13.58
N ASN A 197 -17.59 3.29 12.49
CA ASN A 197 -18.05 2.20 11.58
C ASN A 197 -17.10 1.01 11.54
N ASN A 198 -16.08 0.96 12.41
CA ASN A 198 -15.15 -0.19 12.43
C ASN A 198 -14.87 -0.57 13.88
N ALA A 199 -15.29 -1.76 14.27
CA ALA A 199 -15.18 -2.28 15.65
C ALA A 199 -13.69 -2.42 16.02
N ASN A 200 -12.76 -2.44 15.06
CA ASN A 200 -11.35 -2.78 15.36
C ASN A 200 -10.36 -1.62 15.20
N THR A 201 -10.80 -0.42 14.83
CA THR A 201 -9.86 0.64 14.42
C THR A 201 -10.22 1.97 15.06
N GLY A 202 -9.27 2.89 15.04
CA GLY A 202 -9.47 4.28 15.47
C GLY A 202 -8.40 5.19 14.90
N ILE A 203 -8.36 6.42 15.42
CA ILE A 203 -7.51 7.53 14.90
C ILE A 203 -6.87 8.17 16.11
N GLY A 204 -5.54 8.20 16.16
CA GLY A 204 -4.76 8.73 17.30
C GLY A 204 -4.29 10.16 17.04
N GLY A 205 -3.64 10.75 18.04
CA GLY A 205 -3.15 12.13 18.00
C GLY A 205 -1.90 12.33 17.12
N HIS A 206 -1.27 11.24 16.69
N HIS A 206 -1.29 11.24 16.66
CA HIS A 206 -0.03 11.24 15.87
CA HIS A 206 -0.09 11.30 15.79
C HIS A 206 -0.23 10.37 14.61
C HIS A 206 -0.24 10.38 14.59
N GLY A 207 0.56 10.66 13.57
CA GLY A 207 0.61 9.87 12.35
C GLY A 207 2.03 9.71 11.90
N SER A 208 2.23 8.86 10.90
CA SER A 208 3.59 8.47 10.44
C SER A 208 3.71 8.73 8.94
N CYS A 209 4.39 9.80 8.57
CA CYS A 209 4.54 10.26 7.16
C CYS A 209 5.76 9.64 6.51
N CYS A 210 5.64 9.28 5.24
CA CYS A 210 6.84 9.18 4.37
C CYS A 210 6.44 9.04 2.90
N SER A 211 7.41 9.21 2.02
CA SER A 211 7.23 9.09 0.56
C SER A 211 6.65 7.72 0.19
N GLN A 212 5.85 7.69 -0.87
CA GLN A 212 5.13 6.46 -1.25
C GLN A 212 5.05 6.32 -2.77
N MET A 213 5.50 5.18 -3.28
N MET A 213 5.50 5.18 -3.29
CA MET A 213 5.32 4.83 -4.69
CA MET A 213 5.34 4.79 -4.71
C MET A 213 4.22 3.77 -4.79
C MET A 213 4.22 3.76 -4.80
N ASP A 214 2.99 4.19 -5.12
CA ASP A 214 1.87 3.25 -5.30
C ASP A 214 2.01 2.64 -6.69
N ILE A 215 2.74 1.53 -6.81
CA ILE A 215 2.92 0.88 -8.15
CA ILE A 215 2.94 0.78 -8.10
C ILE A 215 1.55 0.36 -8.59
N TRP A 216 0.79 -0.21 -7.68
CA TRP A 216 -0.42 -0.97 -8.06
C TRP A 216 -1.46 -0.86 -6.95
N GLU A 217 -2.56 -0.20 -7.28
CA GLU A 217 -3.80 -0.20 -6.48
C GLU A 217 -4.90 -0.64 -7.40
N ALA A 218 -5.47 -1.82 -7.18
CA ALA A 218 -6.30 -2.39 -8.24
C ALA A 218 -7.29 -3.43 -7.72
N ASN A 219 -8.34 -3.64 -8.50
CA ASN A 219 -9.21 -4.83 -8.41
C ASN A 219 -9.47 -5.30 -9.83
N SER A 220 -10.50 -6.11 -10.02
CA SER A 220 -10.86 -6.63 -11.37
C SER A 220 -11.45 -5.53 -12.27
N ILE A 221 -11.76 -4.34 -11.72
CA ILE A 221 -12.43 -3.24 -12.49
C ILE A 221 -11.48 -2.12 -12.86
N SER A 222 -10.62 -1.66 -11.94
CA SER A 222 -9.77 -0.47 -12.15
C SER A 222 -8.39 -0.70 -11.53
N GLU A 223 -7.42 0.01 -12.06
CA GLU A 223 -6.03 -0.03 -11.54
C GLU A 223 -5.42 1.35 -11.66
N ALA A 224 -4.50 1.69 -10.78
CA ALA A 224 -3.89 3.03 -10.76
C ALA A 224 -2.42 2.90 -10.33
N LEU A 225 -1.60 3.79 -10.90
CA LEU A 225 -0.16 3.99 -10.65
C LEU A 225 0.05 5.41 -10.16
N THR A 226 0.59 5.60 -8.95
CA THR A 226 0.57 6.93 -8.29
C THR A 226 1.82 7.16 -7.44
N PRO A 227 2.76 8.02 -7.88
CA PRO A 227 3.76 8.54 -6.95
C PRO A 227 3.22 9.65 -6.04
N HIS A 228 3.63 9.58 -4.77
CA HIS A 228 3.30 10.59 -3.73
C HIS A 228 4.58 11.11 -3.10
N PRO A 229 4.90 12.40 -3.28
CA PRO A 229 6.02 13.02 -2.60
C PRO A 229 5.69 13.61 -1.22
N CYS A 230 6.70 13.69 -0.36
CA CYS A 230 6.60 14.40 0.94
C CYS A 230 7.77 15.39 1.03
N THR A 231 7.57 16.45 1.81
CA THR A 231 8.62 17.50 1.99
C THR A 231 9.83 16.93 2.75
N THR A 232 9.61 15.95 3.64
CA THR A 232 10.64 15.10 4.23
C THR A 232 10.51 13.74 3.55
N VAL A 233 11.58 13.22 2.98
CA VAL A 233 11.52 11.96 2.18
C VAL A 233 11.12 10.78 3.06
N GLY A 234 11.83 10.58 4.18
CA GLY A 234 11.71 9.39 5.02
C GLY A 234 10.68 9.52 6.14
N GLN A 235 10.69 8.53 7.03
CA GLN A 235 9.67 8.38 8.09
C GLN A 235 9.76 9.57 9.04
N GLU A 236 8.63 10.19 9.33
CA GLU A 236 8.57 11.35 10.24
C GLU A 236 7.20 11.35 10.91
N ILE A 237 7.18 11.53 12.23
CA ILE A 237 5.89 11.65 12.98
C ILE A 237 5.23 13.00 12.62
N CYS A 238 3.90 13.06 12.67
CA CYS A 238 3.14 14.33 12.50
C CYS A 238 2.12 14.42 13.64
N GLU A 239 1.65 15.63 13.93
CA GLU A 239 0.71 15.90 15.04
C GLU A 239 -0.67 16.21 14.47
N GLY A 240 -1.66 15.43 14.89
CA GLY A 240 -3.10 15.68 14.64
C GLY A 240 -3.37 16.01 13.18
N ASP A 241 -4.11 17.10 12.93
CA ASP A 241 -4.63 17.42 11.59
C ASP A 241 -3.49 17.87 10.66
N GLY A 242 -2.33 18.29 11.17
CA GLY A 242 -1.09 18.49 10.40
C GLY A 242 -0.68 17.27 9.59
N CYS A 243 -1.11 16.07 10.01
CA CYS A 243 -0.88 14.84 9.23
C CYS A 243 -1.60 14.91 7.88
N GLY A 244 -2.75 15.59 7.79
CA GLY A 244 -3.65 15.42 6.65
C GLY A 244 -3.96 13.95 6.40
N GLY A 245 -4.11 13.55 5.13
CA GLY A 245 -4.44 12.16 4.80
C GLY A 245 -5.88 11.78 5.09
N THR A 246 -6.22 10.55 4.75
CA THR A 246 -7.54 9.93 4.97
C THR A 246 -8.01 10.20 6.41
N TYR A 247 -7.11 10.18 7.39
CA TYR A 247 -7.50 10.10 8.82
C TYR A 247 -7.70 11.49 9.44
N SER A 248 -7.62 12.56 8.66
CA SER A 248 -7.76 13.96 9.17
C SER A 248 -8.95 14.61 8.47
N ASP A 249 -9.64 15.52 9.14
N ASP A 249 -9.61 15.52 9.17
CA ASP A 249 -10.78 16.23 8.51
CA ASP A 249 -10.75 16.32 8.63
C ASP A 249 -10.27 16.98 7.27
C ASP A 249 -10.29 17.01 7.34
N ASN A 250 -9.11 17.65 7.36
CA ASN A 250 -8.46 18.30 6.18
C ASN A 250 -7.42 17.31 5.62
N ARG A 251 -7.68 16.81 4.43
CA ARG A 251 -6.81 15.86 3.71
C ARG A 251 -5.42 16.48 3.45
N TYR A 252 -5.32 17.80 3.29
CA TYR A 252 -4.11 18.42 2.74
C TYR A 252 -3.29 18.93 3.93
N GLY A 253 -2.38 18.07 4.40
CA GLY A 253 -1.56 18.32 5.61
C GLY A 253 -0.28 18.97 5.25
N GLY A 254 0.67 19.00 6.18
CA GLY A 254 1.84 19.90 6.07
C GLY A 254 2.99 19.25 5.33
N THR A 255 3.04 17.92 5.25
CA THR A 255 4.29 17.35 4.71
C THR A 255 4.06 16.43 3.52
N CYS A 256 2.99 15.64 3.48
CA CYS A 256 2.86 14.65 2.37
C CYS A 256 1.75 15.05 1.41
N ASP A 257 1.88 14.62 0.16
CA ASP A 257 0.79 14.73 -0.85
C ASP A 257 -0.04 13.46 -0.82
N PRO A 258 -1.31 13.53 -0.32
CA PRO A 258 -2.11 12.33 -0.17
C PRO A 258 -2.86 11.90 -1.44
N ASP A 259 -2.79 12.72 -2.50
CA ASP A 259 -3.48 12.48 -3.79
C ASP A 259 -2.52 11.81 -4.77
N GLY A 260 -1.32 12.36 -4.91
CA GLY A 260 -0.31 11.89 -5.85
C GLY A 260 -0.59 12.29 -7.27
N CYS A 261 0.34 11.98 -8.16
CA CYS A 261 0.14 12.17 -9.61
C CYS A 261 -0.37 10.83 -10.14
N ASP A 262 -1.68 10.62 -10.16
CA ASP A 262 -2.19 9.25 -10.40
C ASP A 262 -2.41 9.01 -11.88
N TRP A 263 -2.23 7.77 -12.31
CA TRP A 263 -2.48 7.37 -13.68
C TRP A 263 -3.38 6.14 -13.64
N ASN A 264 -4.64 6.33 -14.02
CA ASN A 264 -5.64 5.25 -14.12
C ASN A 264 -6.15 5.31 -15.54
N PRO A 265 -5.85 4.28 -16.38
CA PRO A 265 -6.23 4.38 -17.78
C PRO A 265 -7.72 4.58 -18.03
N TYR A 266 -8.59 4.04 -17.17
CA TYR A 266 -10.05 4.29 -17.26
C TYR A 266 -10.31 5.79 -17.01
N ARG A 267 -9.75 6.33 -15.95
CA ARG A 267 -9.95 7.77 -15.62
C ARG A 267 -9.51 8.65 -16.79
N LEU A 268 -8.47 8.24 -17.48
CA LEU A 268 -7.90 9.02 -18.61
C LEU A 268 -8.66 8.75 -19.91
N GLY A 269 -9.70 7.91 -19.93
CA GLY A 269 -10.64 7.85 -21.07
C GLY A 269 -10.63 6.50 -21.77
N ASN A 270 -9.71 5.60 -21.41
CA ASN A 270 -9.63 4.29 -22.11
C ASN A 270 -10.33 3.25 -21.23
N THR A 271 -11.65 3.14 -21.44
CA THR A 271 -12.54 2.32 -20.63
C THR A 271 -12.47 0.86 -21.11
N SER A 272 -11.73 0.57 -22.19
CA SER A 272 -11.63 -0.80 -22.77
C SER A 272 -10.32 -1.51 -22.43
N PHE A 273 -9.39 -0.84 -21.77
CA PHE A 273 -8.02 -1.36 -21.57
C PHE A 273 -7.99 -2.49 -20.54
N TYR A 274 -8.71 -2.33 -19.43
CA TYR A 274 -8.51 -3.22 -18.25
C TYR A 274 -9.86 -3.56 -17.66
N GLY A 275 -10.23 -4.84 -17.71
CA GLY A 275 -11.47 -5.25 -17.07
C GLY A 275 -11.73 -6.74 -17.29
N PRO A 276 -12.85 -7.23 -16.74
CA PRO A 276 -13.09 -8.67 -16.72
C PRO A 276 -13.60 -9.20 -18.06
N GLY A 277 -12.89 -10.16 -18.65
CA GLY A 277 -13.34 -10.89 -19.82
C GLY A 277 -12.70 -10.38 -21.11
N SER A 278 -13.09 -11.01 -22.20
CA SER A 278 -12.37 -10.89 -23.50
C SER A 278 -12.70 -9.57 -24.19
N SER A 279 -13.60 -8.75 -23.67
CA SER A 279 -13.90 -7.42 -24.30
C SER A 279 -12.87 -6.38 -23.87
N PHE A 280 -11.88 -6.71 -23.02
CA PHE A 280 -10.86 -5.74 -22.54
C PHE A 280 -9.50 -6.14 -23.08
N THR A 281 -8.63 -5.16 -23.26
CA THR A 281 -7.26 -5.43 -23.77
C THR A 281 -6.55 -6.42 -22.82
N LEU A 282 -6.61 -6.09 -21.53
CA LEU A 282 -6.11 -6.92 -20.41
C LEU A 282 -7.36 -7.50 -19.72
N ASP A 283 -7.49 -8.82 -19.75
CA ASP A 283 -8.62 -9.57 -19.17
C ASP A 283 -8.32 -9.88 -17.70
N THR A 284 -9.02 -9.21 -16.79
CA THR A 284 -8.76 -9.31 -15.34
C THR A 284 -9.28 -10.61 -14.74
N THR A 285 -9.90 -11.50 -15.52
CA THR A 285 -10.18 -12.89 -15.09
C THR A 285 -8.92 -13.75 -15.14
N LYS A 286 -7.84 -13.29 -15.76
CA LYS A 286 -6.59 -14.07 -15.95
CA LYS A 286 -6.60 -14.08 -15.93
CA LYS A 286 -6.60 -14.09 -15.92
C LYS A 286 -5.40 -13.32 -15.34
N LYS A 287 -4.35 -14.06 -14.97
CA LYS A 287 -3.12 -13.46 -14.44
CA LYS A 287 -3.09 -13.50 -14.46
C LYS A 287 -2.52 -12.50 -15.47
N LEU A 288 -1.91 -11.42 -15.00
CA LEU A 288 -1.18 -10.50 -15.89
C LEU A 288 0.13 -10.04 -15.23
N THR A 289 1.06 -9.62 -16.08
CA THR A 289 2.39 -9.10 -15.66
C THR A 289 2.37 -7.57 -15.74
N VAL A 290 2.90 -6.92 -14.74
CA VAL A 290 2.95 -5.44 -14.63
C VAL A 290 4.41 -5.03 -14.43
N VAL A 291 4.96 -4.20 -15.32
CA VAL A 291 6.38 -3.76 -15.26
C VAL A 291 6.40 -2.25 -15.14
N THR A 292 7.17 -1.76 -14.21
CA THR A 292 7.25 -0.33 -13.87
C THR A 292 8.72 0.07 -13.82
N GLN A 293 9.08 1.06 -14.63
CA GLN A 293 10.47 1.44 -14.90
C GLN A 293 10.69 2.87 -14.41
N PHE A 294 11.76 3.11 -13.66
CA PHE A 294 12.06 4.44 -13.03
C PHE A 294 13.30 5.03 -13.72
N GLU A 295 13.09 5.74 -14.80
CA GLU A 295 14.20 6.30 -15.59
C GLU A 295 14.84 7.44 -14.78
N THR A 296 16.14 7.69 -15.01
CA THR A 296 16.91 8.58 -14.12
C THR A 296 16.42 10.02 -14.27
N SER A 297 15.66 10.37 -15.31
CA SER A 297 15.01 11.71 -15.42
C SER A 297 14.01 11.93 -14.27
N GLY A 298 13.51 10.85 -13.68
CA GLY A 298 12.44 10.94 -12.65
C GLY A 298 11.07 10.64 -13.23
N ALA A 299 10.97 10.37 -14.54
CA ALA A 299 9.72 9.91 -15.19
C ALA A 299 9.56 8.42 -14.94
N ILE A 300 8.32 7.98 -15.08
CA ILE A 300 7.94 6.58 -14.82
C ILE A 300 7.29 6.00 -16.06
N ASN A 301 7.75 4.83 -16.46
CA ASN A 301 7.24 4.14 -17.68
C ASN A 301 6.65 2.82 -17.22
N ARG A 302 5.68 2.33 -17.96
CA ARG A 302 4.86 1.17 -17.56
C ARG A 302 4.55 0.35 -18.81
N TYR A 303 4.65 -0.97 -18.70
CA TYR A 303 4.05 -1.84 -19.72
C TYR A 303 3.55 -3.11 -19.03
N TYR A 304 2.71 -3.84 -19.77
CA TYR A 304 1.95 -4.99 -19.24
C TYR A 304 2.21 -6.14 -20.17
N VAL A 305 2.12 -7.36 -19.66
CA VAL A 305 2.20 -8.58 -20.51
C VAL A 305 1.07 -9.51 -20.12
N GLN A 306 0.33 -10.02 -21.10
CA GLN A 306 -0.67 -11.08 -20.85
C GLN A 306 -0.71 -12.03 -22.03
N ASN A 307 -0.67 -13.33 -21.72
CA ASN A 307 -0.69 -14.41 -22.73
C ASN A 307 0.37 -14.11 -23.79
N GLY A 308 1.51 -13.58 -23.37
CA GLY A 308 2.69 -13.34 -24.24
C GLY A 308 2.56 -12.12 -25.13
N VAL A 309 1.52 -11.30 -24.94
CA VAL A 309 1.33 -10.05 -25.72
C VAL A 309 1.70 -8.89 -24.79
N THR A 310 2.48 -7.94 -25.30
CA THR A 310 2.95 -6.75 -24.56
C THR A 310 2.12 -5.53 -24.94
N PHE A 311 1.78 -4.74 -23.95
CA PHE A 311 1.07 -3.44 -24.11
C PHE A 311 1.78 -2.36 -23.28
N GLN A 312 2.24 -1.30 -23.93
CA GLN A 312 2.66 -0.12 -23.16
C GLN A 312 1.44 0.39 -22.40
N GLN A 313 1.65 1.10 -21.31
CA GLN A 313 0.62 2.02 -20.77
C GLN A 313 -0.08 2.72 -21.92
N PRO A 314 -1.44 2.71 -21.96
CA PRO A 314 -2.14 3.34 -23.08
C PRO A 314 -1.87 4.83 -23.15
N ASN A 315 -1.79 5.33 -24.37
N ASN A 315 -1.79 5.33 -24.39
CA ASN A 315 -1.63 6.78 -24.58
CA ASN A 315 -1.67 6.79 -24.67
C ASN A 315 -2.83 7.52 -24.00
C ASN A 315 -2.83 7.53 -24.03
N ALA A 316 -2.56 8.73 -23.50
CA ALA A 316 -3.57 9.63 -22.96
C ALA A 316 -3.27 11.02 -23.50
N GLU A 317 -4.35 11.76 -23.73
CA GLU A 317 -4.28 13.18 -24.14
C GLU A 317 -5.02 13.95 -23.07
N LEU A 318 -4.39 14.94 -22.46
CA LEU A 318 -4.95 15.65 -21.31
C LEU A 318 -4.38 17.07 -21.38
N GLY A 319 -5.22 18.06 -21.68
CA GLY A 319 -4.70 19.41 -21.96
C GLY A 319 -3.68 19.36 -23.07
N SER A 320 -2.52 19.95 -22.87
CA SER A 320 -1.40 19.95 -23.87
C SER A 320 -0.56 18.68 -23.78
N TYR A 321 -0.79 17.81 -22.80
CA TYR A 321 -0.02 16.55 -22.65
C TYR A 321 -0.56 15.52 -23.64
N SER A 322 0.37 14.78 -24.22
CA SER A 322 0.05 13.58 -25.02
C SER A 322 1.18 12.56 -24.84
N GLY A 323 0.82 11.32 -24.54
CA GLY A 323 1.81 10.25 -24.38
C GLY A 323 1.43 9.18 -23.37
N ASN A 324 2.40 8.37 -23.00
CA ASN A 324 2.17 7.26 -22.04
C ASN A 324 3.23 7.25 -20.95
N GLU A 325 4.10 8.27 -20.89
CA GLU A 325 5.09 8.36 -19.81
C GLU A 325 4.54 9.26 -18.71
N LEU A 326 4.67 8.83 -17.47
CA LEU A 326 4.25 9.62 -16.30
C LEU A 326 5.41 10.58 -16.04
N ASN A 327 5.27 11.85 -16.44
CA ASN A 327 6.38 12.82 -16.36
C ASN A 327 5.82 14.16 -15.85
N ASP A 328 6.68 15.15 -15.71
CA ASP A 328 6.23 16.46 -15.14
C ASP A 328 5.08 16.98 -16.01
N ASP A 329 5.17 16.83 -17.34
CA ASP A 329 4.12 17.37 -18.26
C ASP A 329 2.77 16.69 -17.97
N TYR A 330 2.75 15.38 -17.80
CA TYR A 330 1.53 14.65 -17.42
C TYR A 330 1.00 15.23 -16.11
N CYS A 331 1.82 15.31 -15.07
CA CYS A 331 1.34 15.64 -13.70
C CYS A 331 0.77 17.07 -13.67
N THR A 332 1.44 17.98 -14.38
N THR A 332 1.37 18.01 -14.38
CA THR A 332 1.02 19.41 -14.50
CA THR A 332 0.88 19.42 -14.38
C THR A 332 -0.31 19.49 -15.28
C THR A 332 -0.35 19.54 -15.31
N ALA A 333 -0.43 18.77 -16.39
CA ALA A 333 -1.67 18.75 -17.22
C ALA A 333 -2.80 18.18 -16.38
N GLU A 334 -2.52 17.15 -15.59
CA GLU A 334 -3.56 16.51 -14.76
C GLU A 334 -4.09 17.55 -13.78
N GLU A 335 -3.22 18.25 -13.08
CA GLU A 335 -3.68 19.29 -12.13
CA GLU A 335 -3.63 19.32 -12.13
C GLU A 335 -4.50 20.33 -12.88
N ALA A 336 -4.07 20.73 -14.08
CA ALA A 336 -4.79 21.79 -14.84
C ALA A 336 -6.18 21.27 -15.28
N GLU A 337 -6.31 20.03 -15.72
CA GLU A 337 -7.58 19.50 -16.28
C GLU A 337 -8.49 18.91 -15.21
N PHE A 338 -7.96 18.15 -14.25
CA PHE A 338 -8.78 17.51 -13.19
C PHE A 338 -8.87 18.36 -11.91
N GLY A 339 -7.91 19.25 -11.66
CA GLY A 339 -7.90 20.17 -10.52
C GLY A 339 -6.90 19.74 -9.46
N GLY A 340 -6.65 20.64 -8.51
CA GLY A 340 -5.84 20.38 -7.32
C GLY A 340 -4.42 20.84 -7.53
N SER A 341 -3.67 20.98 -6.46
CA SER A 341 -2.26 21.43 -6.51
C SER A 341 -1.41 20.65 -5.50
N SER A 342 -1.93 19.58 -4.89
CA SER A 342 -1.21 18.88 -3.79
C SER A 342 0.14 18.33 -4.27
N PHE A 343 0.14 17.64 -5.41
CA PHE A 343 1.34 16.96 -5.94
C PHE A 343 2.44 18.00 -6.20
N SER A 344 2.10 19.05 -6.93
N SER A 344 2.10 19.05 -6.93
CA SER A 344 3.06 20.13 -7.25
CA SER A 344 3.04 20.14 -7.26
C SER A 344 3.45 20.87 -5.96
C SER A 344 3.45 20.87 -5.97
N ASP A 345 2.51 21.08 -5.04
CA ASP A 345 2.78 21.86 -3.79
C ASP A 345 3.82 21.11 -2.96
N LYS A 346 3.81 19.77 -3.01
CA LYS A 346 4.78 18.97 -2.21
C LYS A 346 6.04 18.67 -3.03
N GLY A 347 6.22 19.27 -4.21
CA GLY A 347 7.48 19.25 -4.97
C GLY A 347 7.49 18.29 -6.17
N GLY A 348 6.37 17.64 -6.44
CA GLY A 348 6.19 16.86 -7.67
C GLY A 348 7.20 15.73 -7.88
N LEU A 349 7.50 15.41 -9.15
CA LEU A 349 8.40 14.29 -9.48
C LEU A 349 9.83 14.61 -9.05
N THR A 350 10.21 15.87 -8.95
CA THR A 350 11.57 16.25 -8.50
C THR A 350 11.72 15.83 -7.03
N GLN A 351 10.71 16.07 -6.21
CA GLN A 351 10.75 15.70 -4.79
C GLN A 351 10.64 14.18 -4.69
N PHE A 352 9.81 13.59 -5.52
CA PHE A 352 9.59 12.14 -5.51
C PHE A 352 10.88 11.39 -5.87
N LYS A 353 11.69 11.95 -6.77
CA LYS A 353 12.96 11.31 -7.15
C LYS A 353 13.92 11.22 -5.96
N LYS A 354 13.80 12.12 -4.98
CA LYS A 354 14.61 12.00 -3.74
C LYS A 354 14.30 10.70 -3.00
N ALA A 355 13.08 10.16 -3.10
CA ALA A 355 12.69 8.91 -2.42
C ALA A 355 13.17 7.71 -3.22
N THR A 356 13.01 7.70 -4.53
CA THR A 356 13.40 6.56 -5.41
C THR A 356 14.93 6.46 -5.50
N SER A 357 15.64 7.55 -5.20
CA SER A 357 17.13 7.60 -5.17
C SER A 357 17.64 6.82 -3.98
N GLY A 358 16.83 6.70 -2.95
CA GLY A 358 17.14 6.03 -1.68
C GLY A 358 16.53 4.66 -1.62
N GLY A 359 16.51 4.04 -0.45
CA GLY A 359 15.86 2.73 -0.27
C GLY A 359 14.40 2.87 0.06
N MET A 360 13.60 1.94 -0.43
CA MET A 360 12.18 1.86 -0.06
C MET A 360 11.82 0.39 0.16
N VAL A 361 10.87 0.21 1.06
CA VAL A 361 10.35 -1.13 1.45
C VAL A 361 9.13 -1.51 0.60
N LEU A 362 9.09 -2.78 0.16
CA LEU A 362 7.96 -3.37 -0.59
C LEU A 362 6.85 -3.76 0.36
N VAL A 363 5.65 -3.27 0.05
CA VAL A 363 4.41 -3.52 0.81
C VAL A 363 3.45 -4.24 -0.14
N MET A 364 2.79 -5.29 0.35
CA MET A 364 1.68 -5.94 -0.35
C MET A 364 0.52 -6.06 0.63
N SER A 365 -0.67 -5.71 0.18
CA SER A 365 -1.83 -5.59 1.07
C SER A 365 -3.13 -5.91 0.34
N LEU A 366 -4.16 -6.17 1.14
CA LEU A 366 -5.55 -6.27 0.68
C LEU A 366 -6.41 -5.56 1.69
N TRP A 367 -7.23 -4.62 1.23
CA TRP A 367 -8.07 -3.82 2.12
C TRP A 367 -9.38 -3.41 1.45
N ASP A 368 -10.39 -3.20 2.30
CA ASP A 368 -11.58 -2.41 1.90
C ASP A 368 -11.47 -1.04 2.57
N ASP A 369 -12.35 -0.11 2.22
CA ASP A 369 -12.15 1.33 2.47
C ASP A 369 -13.27 1.85 3.36
N TYR A 370 -13.01 1.98 4.66
CA TYR A 370 -13.99 2.43 5.70
C TYR A 370 -14.19 3.94 5.64
N TYR A 371 -13.54 4.65 4.71
CA TYR A 371 -13.64 6.14 4.60
C TYR A 371 -14.34 6.56 3.30
N ALA A 372 -14.04 5.94 2.15
CA ALA A 372 -14.59 6.38 0.85
C ALA A 372 -14.99 5.21 -0.02
N ASN A 373 -15.11 3.99 0.53
CA ASN A 373 -15.70 2.80 -0.17
C ASN A 373 -14.96 2.46 -1.49
N MET A 374 -13.70 2.88 -1.61
CA MET A 374 -12.83 2.65 -2.78
C MET A 374 -13.39 3.32 -4.04
N LEU A 375 -14.29 4.31 -3.92
CA LEU A 375 -14.94 4.94 -5.09
C LEU A 375 -13.92 5.72 -5.93
N TRP A 376 -12.92 6.31 -5.26
CA TRP A 376 -11.79 7.04 -5.91
C TRP A 376 -11.04 6.16 -6.92
N LEU A 377 -11.03 4.84 -6.71
CA LEU A 377 -10.33 3.87 -7.57
C LEU A 377 -11.25 3.39 -8.69
N ASP A 378 -12.50 3.03 -8.40
CA ASP A 378 -13.26 2.18 -9.33
C ASP A 378 -14.65 2.74 -9.67
N SER A 379 -14.97 3.97 -9.31
CA SER A 379 -16.34 4.46 -9.53
C SER A 379 -16.29 5.93 -9.93
N THR A 380 -17.41 6.63 -9.76
CA THR A 380 -17.48 8.08 -9.98
C THR A 380 -17.26 8.74 -8.64
N TYR A 381 -16.34 9.70 -8.57
CA TYR A 381 -16.01 10.34 -7.30
C TYR A 381 -15.57 11.79 -7.55
N PRO A 382 -16.11 12.79 -6.85
CA PRO A 382 -17.22 12.60 -5.91
C PRO A 382 -18.50 12.09 -6.60
N THR A 383 -19.43 11.55 -5.81
CA THR A 383 -20.51 10.70 -6.36
C THR A 383 -21.58 11.55 -7.01
N ASN A 384 -21.60 12.86 -6.77
CA ASN A 384 -22.61 13.75 -7.39
C ASN A 384 -22.12 14.23 -8.78
N GLU A 385 -20.93 13.83 -9.23
CA GLU A 385 -20.36 14.29 -10.52
C GLU A 385 -20.83 13.33 -11.63
N THR A 386 -20.64 13.70 -12.90
CA THR A 386 -20.92 12.81 -14.05
C THR A 386 -19.71 12.77 -14.96
N SER A 387 -19.76 12.00 -16.05
CA SER A 387 -18.68 11.93 -17.08
C SER A 387 -18.43 13.30 -17.71
N SER A 388 -19.33 14.27 -17.54
CA SER A 388 -19.04 15.61 -18.11
C SER A 388 -17.99 16.32 -17.25
N THR A 389 -17.68 15.80 -16.06
CA THR A 389 -16.66 16.42 -15.19
C THR A 389 -15.35 15.69 -15.48
N PRO A 390 -14.31 16.38 -15.99
CA PRO A 390 -13.07 15.68 -16.37
C PRO A 390 -12.50 14.96 -15.14
N GLY A 391 -12.20 13.68 -15.28
CA GLY A 391 -11.54 12.93 -14.18
C GLY A 391 -12.52 12.37 -13.17
N ALA A 392 -13.81 12.64 -13.25
CA ALA A 392 -14.73 12.21 -12.17
C ALA A 392 -14.88 10.70 -12.21
N VAL A 393 -14.94 10.12 -13.40
CA VAL A 393 -15.24 8.67 -13.57
C VAL A 393 -13.93 7.89 -13.64
N ARG A 394 -13.72 6.97 -12.67
CA ARG A 394 -12.44 6.21 -12.49
C ARG A 394 -12.66 4.73 -12.80
N GLY A 395 -13.91 4.28 -12.83
CA GLY A 395 -14.24 2.91 -13.24
C GLY A 395 -15.75 2.74 -13.33
N SER A 396 -16.18 1.51 -13.61
CA SER A 396 -17.59 1.23 -13.98
C SER A 396 -18.40 0.85 -12.74
N CYS A 397 -17.77 0.72 -11.58
CA CYS A 397 -18.50 0.34 -10.32
C CYS A 397 -19.57 1.36 -9.97
N SER A 398 -20.73 0.91 -9.49
CA SER A 398 -21.78 1.81 -8.96
C SER A 398 -21.22 2.72 -7.87
N THR A 399 -21.67 3.96 -7.77
CA THR A 399 -21.35 4.82 -6.61
C THR A 399 -21.92 4.28 -5.29
N SER A 400 -22.72 3.20 -5.35
CA SER A 400 -23.29 2.48 -4.18
C SER A 400 -22.34 1.37 -3.72
N SER A 401 -21.27 1.07 -4.46
CA SER A 401 -20.43 -0.14 -4.26
C SER A 401 -19.45 0.06 -3.10
N GLY A 402 -18.92 -1.03 -2.61
CA GLY A 402 -17.78 -0.97 -1.67
C GLY A 402 -18.11 -0.63 -0.24
N VAL A 403 -19.36 -0.75 0.21
CA VAL A 403 -19.62 -0.60 1.68
C VAL A 403 -18.95 -1.75 2.40
N PRO A 404 -18.00 -1.48 3.33
CA PRO A 404 -17.24 -2.56 3.96
C PRO A 404 -18.12 -3.70 4.51
N ALA A 405 -19.13 -3.41 5.32
CA ALA A 405 -20.00 -4.45 5.91
C ALA A 405 -20.62 -5.30 4.79
N GLN A 406 -20.94 -4.67 3.65
CA GLN A 406 -21.62 -5.40 2.57
C GLN A 406 -20.64 -6.32 1.85
N VAL A 407 -19.48 -5.79 1.44
CA VAL A 407 -18.49 -6.59 0.66
CA VAL A 407 -18.53 -6.62 0.66
C VAL A 407 -17.90 -7.67 1.57
N GLU A 408 -17.73 -7.40 2.87
CA GLU A 408 -17.29 -8.43 3.85
C GLU A 408 -18.32 -9.55 3.99
N SER A 409 -19.61 -9.22 3.94
CA SER A 409 -20.70 -10.20 4.05
C SER A 409 -20.85 -10.96 2.73
N GLN A 410 -20.76 -10.29 1.59
CA GLN A 410 -21.10 -10.89 0.27
C GLN A 410 -19.88 -11.58 -0.37
N SER A 411 -18.67 -11.06 -0.15
CA SER A 411 -17.43 -11.55 -0.83
C SER A 411 -16.32 -11.85 0.18
N PRO A 412 -16.58 -12.59 1.28
CA PRO A 412 -15.53 -12.87 2.26
C PRO A 412 -14.34 -13.65 1.70
N ASN A 413 -14.56 -14.47 0.65
CA ASN A 413 -13.50 -15.31 0.05
C ASN A 413 -12.82 -14.60 -1.12
N ALA A 414 -13.03 -13.30 -1.28
CA ALA A 414 -12.20 -12.50 -2.19
C ALA A 414 -10.74 -12.69 -1.76
N LYS A 415 -9.83 -12.58 -2.71
CA LYS A 415 -8.38 -12.79 -2.46
CA LYS A 415 -8.39 -12.74 -2.44
C LYS A 415 -7.58 -12.11 -3.57
N VAL A 416 -6.31 -11.87 -3.30
CA VAL A 416 -5.35 -11.39 -4.31
C VAL A 416 -4.13 -12.32 -4.23
N THR A 417 -3.56 -12.66 -5.38
CA THR A 417 -2.29 -13.39 -5.46
C THR A 417 -1.28 -12.53 -6.24
N PHE A 418 -0.19 -12.18 -5.57
CA PHE A 418 0.99 -11.55 -6.16
C PHE A 418 2.05 -12.62 -6.34
N SER A 419 2.73 -12.62 -7.48
CA SER A 419 3.73 -13.68 -7.72
C SER A 419 4.86 -13.19 -8.64
N ASN A 420 5.96 -13.93 -8.61
CA ASN A 420 7.02 -13.76 -9.62
C ASN A 420 7.54 -12.32 -9.65
N ILE A 421 7.84 -11.79 -8.47
CA ILE A 421 8.53 -10.48 -8.33
C ILE A 421 9.92 -10.60 -8.96
N LYS A 422 10.23 -9.68 -9.83
CA LYS A 422 11.56 -9.57 -10.45
C LYS A 422 11.99 -8.11 -10.40
N PHE A 423 13.25 -7.87 -10.04
CA PHE A 423 13.78 -6.51 -9.86
C PHE A 423 15.17 -6.43 -10.49
N GLY A 424 15.48 -5.35 -11.14
CA GLY A 424 16.83 -5.12 -11.66
C GLY A 424 16.90 -3.88 -12.53
N PRO A 425 18.03 -3.68 -13.24
CA PRO A 425 18.14 -2.57 -14.17
C PRO A 425 16.98 -2.56 -15.17
N ILE A 426 16.66 -1.36 -15.61
CA ILE A 426 15.68 -1.18 -16.71
C ILE A 426 16.08 -2.11 -17.86
N GLY A 427 15.12 -2.83 -18.41
CA GLY A 427 15.31 -3.78 -19.51
C GLY A 427 15.69 -5.20 -19.11
N SER A 428 15.89 -5.50 -17.83
CA SER A 428 16.47 -6.78 -17.39
C SER A 428 15.41 -7.81 -16.97
N THR A 429 14.22 -7.40 -16.55
CA THR A 429 13.35 -8.30 -15.76
C THR A 429 12.54 -9.25 -16.63
N GLY A 430 12.56 -9.12 -17.97
CA GLY A 430 11.88 -10.05 -18.87
C GLY A 430 12.79 -11.20 -19.27
N ASN A 431 14.01 -11.23 -18.75
CA ASN A 431 15.03 -12.26 -19.05
C ASN A 431 14.75 -13.50 -18.21
N PRO A 432 15.35 -14.64 -18.60
CA PRO A 432 15.11 -15.90 -17.90
C PRO A 432 15.39 -15.81 -16.39
N SER A 433 14.43 -16.29 -15.59
CA SER A 433 14.58 -16.45 -14.11
C SER A 433 15.66 -17.50 -13.80
N GLY A 434 16.37 -17.35 -12.69
CA GLY A 434 17.47 -18.23 -12.22
C GLY A 434 17.04 -19.04 -11.01
#